data_4AK8
#
_entry.id   4AK8
#
_cell.length_a   79.959
_cell.length_b   79.959
_cell.length_c   90.419
_cell.angle_alpha   90.00
_cell.angle_beta   90.00
_cell.angle_gamma   90.00
#
_symmetry.space_group_name_H-M   'P 42'
#
loop_
_entity.id
_entity.type
_entity.pdbx_description
1 polymer 'C-TYPE LECTIN DOMAIN FAMILY 4 MEMBER K'
2 non-polymer 'CALCIUM ION'
3 non-polymer 'MAGNESIUM ION'
4 non-polymer 'CHLORIDE ION'
5 water water
#
_entity_poly.entity_id   1
_entity_poly.type   'polypeptide(L)'
_entity_poly.pdbx_seq_one_letter_code
;MWSHPQFEKIEGRMQNDILQVVSQGWKYFKGNFYYFSLIPKTWYSAEQFCVSRNSHLTSVTSESEQELLYKTAGGLIYWI
GLTKAGMEGDWSWVDDTPFNKVQSARFWIPGEPNNAGNNEHCGNIKAPSLQAWNDAPCDKTFLFICKRPYVPSEP
;
_entity_poly.pdbx_strand_id   A,B,C,D
#
loop_
_chem_comp.id
_chem_comp.type
_chem_comp.name
_chem_comp.formula
CA non-polymer 'CALCIUM ION' 'Ca 2'
CL non-polymer 'CHLORIDE ION' 'Cl -1'
MG non-polymer 'MAGNESIUM ION' 'Mg 2'
#
# COMPACT_ATOMS: atom_id res chain seq x y z
N SER A 23 4.69 26.50 0.85
CA SER A 23 5.95 26.80 0.06
C SER A 23 5.61 27.59 -1.21
N GLN A 24 6.42 28.57 -1.57
CA GLN A 24 6.00 29.23 -2.80
C GLN A 24 6.32 28.49 -4.12
N GLY A 25 7.45 27.73 -4.12
CA GLY A 25 8.09 27.36 -5.38
C GLY A 25 7.61 26.11 -6.10
N TRP A 26 6.35 25.69 -5.89
CA TRP A 26 5.86 24.50 -6.62
C TRP A 26 5.47 24.83 -8.02
N LYS A 27 5.95 24.09 -8.98
CA LYS A 27 5.72 24.31 -10.31
C LYS A 27 4.61 23.42 -10.86
N TYR A 28 3.75 23.80 -11.78
CA TYR A 28 2.51 23.07 -12.10
C TYR A 28 2.69 22.53 -13.45
N PHE A 29 2.27 21.26 -13.73
CA PHE A 29 2.16 20.70 -15.01
C PHE A 29 1.15 19.52 -15.07
N LYS A 30 0.20 19.59 -15.93
CA LYS A 30 -0.71 18.43 -16.23
C LYS A 30 -1.28 17.86 -15.00
N GLY A 31 -1.80 18.66 -14.06
CA GLY A 31 -2.51 18.11 -12.91
C GLY A 31 -1.73 17.82 -11.72
N ASN A 32 -0.39 18.08 -11.80
CA ASN A 32 0.48 17.91 -10.66
C ASN A 32 1.41 19.09 -10.23
N PHE A 33 1.85 19.29 -9.03
CA PHE A 33 2.78 20.30 -8.68
C PHE A 33 4.12 19.60 -8.36
N TYR A 34 5.22 20.34 -8.63
CA TYR A 34 6.60 19.74 -8.48
C TYR A 34 7.42 20.62 -7.64
N TYR A 35 8.21 20.15 -6.70
CA TYR A 35 9.11 20.94 -5.85
C TYR A 35 10.51 20.50 -6.17
N PHE A 36 11.33 21.41 -6.65
CA PHE A 36 12.78 21.18 -6.86
C PHE A 36 13.56 21.59 -5.70
N SER A 37 14.23 20.71 -4.93
CA SER A 37 14.80 21.15 -3.64
C SER A 37 16.02 22.06 -3.83
N LEU A 38 16.32 22.80 -2.74
CA LEU A 38 17.50 23.61 -2.70
C LEU A 38 18.59 23.02 -1.85
N ILE A 39 18.23 22.01 -1.01
CA ILE A 39 19.12 21.36 -0.06
C ILE A 39 19.18 19.87 -0.46
N PRO A 40 20.36 19.27 -0.49
CA PRO A 40 20.55 17.86 -0.88
C PRO A 40 20.31 16.97 0.32
N LYS A 41 19.78 15.76 0.00
CA LYS A 41 19.47 14.76 1.06
C LYS A 41 19.75 13.35 0.43
N THR A 42 19.85 12.37 1.35
CA THR A 42 19.83 10.97 0.90
C THR A 42 18.49 10.63 0.29
N TRP A 43 18.34 9.57 -0.47
CA TRP A 43 17.08 9.26 -1.09
C TRP A 43 15.96 9.19 -0.06
N TYR A 44 16.14 8.47 1.04
CA TYR A 44 15.00 8.24 1.99
C TYR A 44 14.80 9.53 2.74
N SER A 45 15.82 10.27 3.17
CA SER A 45 15.54 11.49 3.86
C SER A 45 14.85 12.49 2.91
N ALA A 46 15.12 12.47 1.66
CA ALA A 46 14.37 13.26 0.67
C ALA A 46 12.92 12.86 0.59
N GLU A 47 12.66 11.55 0.51
CA GLU A 47 11.27 11.04 0.44
C GLU A 47 10.56 11.44 1.77
N GLN A 48 11.19 11.42 2.93
CA GLN A 48 10.51 11.86 4.19
C GLN A 48 10.21 13.31 4.04
N PHE A 49 11.14 14.10 3.50
CA PHE A 49 10.81 15.56 3.36
C PHE A 49 9.62 15.70 2.42
N CYS A 50 9.54 15.00 1.29
CA CYS A 50 8.33 15.12 0.47
C CYS A 50 7.09 14.70 1.25
N VAL A 51 7.15 13.62 2.01
CA VAL A 51 5.90 13.15 2.70
C VAL A 51 5.49 14.23 3.74
N SER A 52 6.44 14.94 4.31
CA SER A 52 6.04 16.06 5.28
C SER A 52 5.39 17.23 4.55
N ARG A 53 5.50 17.33 3.23
CA ARG A 53 4.86 18.30 2.39
C ARG A 53 3.69 17.68 1.60
N ASN A 54 3.11 16.59 2.07
CA ASN A 54 2.00 16.00 1.39
C ASN A 54 2.27 15.60 -0.05
N SER A 55 3.48 15.02 -0.23
CA SER A 55 3.93 14.68 -1.56
C SER A 55 4.84 13.45 -1.47
N HIS A 56 5.40 13.12 -2.63
CA HIS A 56 6.35 11.94 -2.73
C HIS A 56 7.45 12.34 -3.75
N LEU A 57 8.65 11.71 -3.57
CA LEU A 57 9.60 11.85 -4.72
C LEU A 57 8.92 11.53 -6.00
N THR A 58 9.18 12.30 -7.10
CA THR A 58 8.32 12.18 -8.23
C THR A 58 8.44 10.87 -9.05
N SER A 59 7.32 10.42 -9.56
CA SER A 59 7.27 9.44 -10.66
C SER A 59 7.34 10.11 -11.98
N VAL A 60 7.60 9.39 -13.09
CA VAL A 60 7.66 9.89 -14.42
C VAL A 60 6.89 8.96 -15.31
N THR A 61 5.83 9.36 -15.93
CA THR A 61 4.95 8.51 -16.70
C THR A 61 4.66 8.93 -18.12
N SER A 62 5.37 9.92 -18.64
CA SER A 62 5.24 10.33 -20.04
C SER A 62 6.53 11.11 -20.47
N GLU A 63 6.68 11.20 -21.78
N GLU A 63 6.65 11.19 -21.79
CA GLU A 63 7.81 11.95 -22.33
CA GLU A 63 7.73 11.94 -22.40
C GLU A 63 7.71 13.41 -21.98
C GLU A 63 7.69 13.39 -21.98
N SER A 64 6.47 13.95 -22.06
CA SER A 64 6.37 15.35 -21.67
C SER A 64 6.72 15.67 -20.21
N GLU A 65 6.44 14.74 -19.31
CA GLU A 65 6.79 14.95 -17.87
C GLU A 65 8.36 14.83 -17.76
N GLN A 66 8.95 13.81 -18.48
CA GLN A 66 10.42 13.65 -18.37
C GLN A 66 11.08 14.92 -18.87
N GLU A 67 10.54 15.43 -19.97
CA GLU A 67 11.16 16.67 -20.57
C GLU A 67 11.03 17.88 -19.61
N LEU A 68 9.82 18.06 -19.00
CA LEU A 68 9.73 19.12 -17.99
C LEU A 68 10.79 18.97 -16.91
N LEU A 69 10.95 17.75 -16.37
CA LEU A 69 11.80 17.53 -15.27
C LEU A 69 13.30 17.77 -15.72
N TYR A 70 13.75 17.15 -16.79
CA TYR A 70 15.21 17.36 -17.10
C TYR A 70 15.46 18.81 -17.54
N LYS A 71 14.49 19.49 -18.18
CA LYS A 71 14.83 20.86 -18.57
C LYS A 71 14.86 21.71 -17.35
N THR A 72 13.92 21.50 -16.38
CA THR A 72 13.94 22.29 -15.21
C THR A 72 15.14 22.05 -14.33
N ALA A 73 15.58 20.77 -14.27
CA ALA A 73 16.73 20.44 -13.51
C ALA A 73 18.07 21.22 -13.96
N GLY A 74 18.07 21.56 -15.27
CA GLY A 74 19.07 22.58 -15.74
C GLY A 74 20.51 21.97 -15.52
N GLY A 75 20.68 20.66 -15.72
CA GLY A 75 21.99 20.02 -15.65
C GLY A 75 22.47 19.64 -14.29
N LEU A 76 21.65 19.82 -13.21
CA LEU A 76 21.89 19.34 -11.84
C LEU A 76 21.18 17.98 -11.58
N ILE A 77 21.86 17.22 -10.73
CA ILE A 77 21.30 15.81 -10.44
C ILE A 77 20.22 15.97 -9.29
N TYR A 78 19.06 15.26 -9.53
CA TYR A 78 17.94 15.21 -8.51
C TYR A 78 17.51 13.73 -8.33
N TRP A 79 17.45 13.46 -7.06
CA TRP A 79 16.70 12.17 -6.77
C TRP A 79 15.27 12.24 -7.31
N ILE A 80 14.78 11.16 -7.84
CA ILE A 80 13.34 10.98 -8.21
C ILE A 80 12.93 9.73 -7.44
N GLY A 81 11.62 9.42 -7.56
CA GLY A 81 10.97 8.29 -6.82
C GLY A 81 11.39 6.92 -7.26
N LEU A 82 12.42 6.68 -8.05
CA LEU A 82 12.88 5.30 -8.43
C LEU A 82 13.53 4.65 -7.37
N THR A 83 13.02 3.41 -7.08
CA THR A 83 13.71 2.58 -6.01
C THR A 83 13.43 1.06 -6.34
N LYS A 84 14.40 0.24 -6.09
CA LYS A 84 14.04 -1.23 -6.15
C LYS A 84 13.03 -1.70 -5.13
N ALA A 85 12.20 -2.68 -5.55
CA ALA A 85 11.22 -3.24 -4.64
C ALA A 85 10.97 -4.68 -5.03
N GLY A 86 10.64 -5.47 -4.00
CA GLY A 86 10.31 -6.90 -4.27
C GLY A 86 11.60 -7.73 -4.21
N MET A 87 11.46 -9.06 -4.22
CA MET A 87 12.65 -9.88 -4.02
C MET A 87 13.51 -9.91 -5.30
N GLU A 88 12.88 -9.66 -6.46
CA GLU A 88 13.60 -9.59 -7.78
C GLU A 88 14.44 -8.31 -8.01
N GLY A 89 14.13 -7.23 -7.29
CA GLY A 89 14.90 -6.02 -7.43
C GLY A 89 14.34 -5.26 -8.59
N ASP A 90 13.11 -5.42 -9.01
CA ASP A 90 12.57 -4.59 -10.11
C ASP A 90 12.35 -3.19 -9.57
N TRP A 91 12.51 -2.31 -10.57
CA TRP A 91 12.35 -0.87 -10.17
C TRP A 91 10.84 -0.60 -9.89
N SER A 92 10.60 0.43 -9.07
CA SER A 92 9.23 0.79 -8.70
C SER A 92 9.23 2.28 -8.45
N TRP A 93 8.06 2.86 -8.30
CA TRP A 93 7.87 4.28 -7.85
C TRP A 93 7.45 4.38 -6.45
N VAL A 94 8.08 5.18 -5.63
CA VAL A 94 7.70 5.35 -4.27
C VAL A 94 6.28 5.96 -4.06
N ASP A 95 5.79 6.68 -5.04
CA ASP A 95 4.38 7.17 -4.92
C ASP A 95 3.35 6.18 -5.27
N ASP A 96 3.76 4.95 -5.51
CA ASP A 96 2.89 3.74 -5.82
C ASP A 96 2.27 3.76 -7.16
N THR A 97 2.64 4.64 -8.05
CA THR A 97 2.32 4.54 -9.46
C THR A 97 2.90 3.19 -9.93
N PRO A 98 2.13 2.30 -10.53
CA PRO A 98 2.70 1.03 -11.08
C PRO A 98 3.84 1.39 -12.09
N PHE A 99 4.98 0.72 -11.93
CA PHE A 99 6.14 1.10 -12.71
C PHE A 99 6.02 0.36 -14.05
N ASN A 100 6.04 1.00 -15.18
CA ASN A 100 5.89 0.37 -16.51
C ASN A 100 7.29 0.19 -17.06
N LYS A 101 7.83 -1.01 -16.99
CA LYS A 101 9.25 -1.23 -17.35
C LYS A 101 9.38 -1.02 -18.85
N VAL A 102 8.45 -1.48 -19.69
CA VAL A 102 8.48 -1.37 -21.16
C VAL A 102 8.55 0.07 -21.54
N GLN A 103 7.71 0.96 -20.98
CA GLN A 103 7.53 2.32 -21.48
C GLN A 103 8.60 3.13 -20.77
N SER A 104 9.28 2.65 -19.78
CA SER A 104 10.29 3.49 -19.05
C SER A 104 11.68 3.24 -19.65
N ALA A 105 11.82 2.20 -20.46
CA ALA A 105 13.21 1.84 -20.93
C ALA A 105 13.86 3.07 -21.65
N ARG A 106 13.04 3.89 -22.31
CA ARG A 106 13.49 5.08 -23.07
C ARG A 106 14.08 6.13 -22.14
N PHE A 107 13.87 6.08 -20.85
CA PHE A 107 14.19 7.14 -19.97
C PHE A 107 15.47 6.96 -19.25
N TRP A 108 16.11 5.75 -19.27
CA TRP A 108 17.37 5.53 -18.67
C TRP A 108 18.57 6.01 -19.63
N ILE A 109 19.52 6.58 -18.99
CA ILE A 109 20.80 6.79 -19.81
C ILE A 109 21.25 5.41 -20.32
N PRO A 110 21.72 5.42 -21.61
CA PRO A 110 22.17 4.05 -22.14
C PRO A 110 23.25 3.47 -21.25
N GLY A 111 23.04 2.17 -20.93
CA GLY A 111 23.89 1.44 -20.03
C GLY A 111 23.47 1.45 -18.59
N GLU A 112 22.46 2.26 -18.31
CA GLU A 112 21.91 2.22 -16.89
C GLU A 112 20.51 1.51 -16.92
N PRO A 113 20.15 0.97 -15.78
CA PRO A 113 20.77 0.85 -14.48
C PRO A 113 21.99 -0.11 -14.50
N ASN A 114 23.14 0.32 -14.06
CA ASN A 114 24.24 -0.59 -14.14
C ASN A 114 24.67 -1.14 -12.80
N ASN A 115 24.08 -0.76 -11.64
CA ASN A 115 24.25 -1.35 -10.33
C ASN A 115 25.74 -1.31 -10.06
N ALA A 116 26.40 -0.16 -10.30
CA ALA A 116 27.81 0.00 -9.94
C ALA A 116 28.11 -0.39 -8.53
N GLY A 117 29.10 -1.29 -8.37
CA GLY A 117 29.40 -1.69 -7.02
C GLY A 117 28.43 -2.65 -6.34
N ASN A 118 27.45 -3.15 -7.10
CA ASN A 118 26.31 -3.89 -6.56
C ASN A 118 25.50 -3.18 -5.49
N ASN A 119 25.50 -1.84 -5.63
CA ASN A 119 24.99 -1.08 -4.46
C ASN A 119 24.10 0.11 -4.94
N GLU A 120 23.54 0.03 -6.13
CA GLU A 120 22.76 1.26 -6.70
C GLU A 120 21.26 0.88 -6.68
N HIS A 121 20.60 1.29 -5.59
CA HIS A 121 19.20 0.81 -5.42
C HIS A 121 18.16 1.87 -5.54
N CYS A 122 18.66 3.08 -5.93
CA CYS A 122 17.70 4.31 -6.02
C CYS A 122 18.10 4.98 -7.30
N GLY A 123 17.24 5.80 -7.89
CA GLY A 123 17.46 6.46 -9.14
C GLY A 123 17.21 7.96 -9.13
N ASN A 124 18.03 8.61 -9.92
CA ASN A 124 17.96 10.08 -10.05
C ASN A 124 17.90 10.46 -11.49
N ILE A 125 17.51 11.77 -11.77
CA ILE A 125 17.61 12.43 -13.10
C ILE A 125 19.02 13.02 -13.09
N LYS A 126 19.79 12.53 -14.09
CA LYS A 126 21.27 12.92 -14.18
C LYS A 126 21.51 13.56 -15.46
N ALA A 127 21.19 13.11 -16.62
CA ALA A 127 21.62 13.74 -17.90
C ALA A 127 20.51 14.59 -18.42
N PRO A 128 20.74 15.78 -19.06
CA PRO A 128 19.76 16.61 -19.63
C PRO A 128 19.35 16.07 -20.97
N SER A 129 18.51 15.06 -21.07
CA SER A 129 18.12 14.34 -22.26
C SER A 129 16.90 13.54 -21.82
N LEU A 130 16.11 13.19 -22.79
CA LEU A 130 15.03 12.18 -22.53
C LEU A 130 15.65 10.92 -21.90
N GLN A 131 16.85 10.50 -22.32
CA GLN A 131 17.55 9.45 -21.67
CA GLN A 131 17.57 9.44 -21.64
C GLN A 131 18.34 10.03 -20.51
N ALA A 132 17.72 10.13 -19.34
CA ALA A 132 18.22 10.93 -18.20
C ALA A 132 18.62 10.22 -16.93
N TRP A 133 17.99 9.03 -16.71
CA TRP A 133 18.08 8.41 -15.42
C TRP A 133 19.38 7.62 -15.10
N ASN A 134 19.83 7.73 -13.91
CA ASN A 134 20.87 6.79 -13.43
C ASN A 134 20.46 6.21 -12.11
N ASP A 135 20.95 4.99 -11.87
CA ASP A 135 20.95 4.41 -10.59
C ASP A 135 22.18 4.72 -9.78
N ALA A 136 21.97 5.07 -8.57
CA ALA A 136 22.99 5.51 -7.66
C ALA A 136 22.73 4.97 -6.23
N PRO A 137 23.75 4.98 -5.40
CA PRO A 137 23.62 4.51 -4.02
C PRO A 137 22.66 5.38 -3.23
N CYS A 138 21.67 4.78 -2.67
CA CYS A 138 20.59 5.50 -1.91
C CYS A 138 21.09 6.40 -0.79
N ASP A 139 22.29 6.12 -0.31
CA ASP A 139 22.87 6.87 0.76
C ASP A 139 23.71 8.14 0.22
N LYS A 140 23.73 8.27 -1.09
CA LYS A 140 24.40 9.52 -1.67
C LYS A 140 23.44 10.70 -1.45
N THR A 141 23.93 11.88 -1.18
CA THR A 141 23.07 13.09 -1.10
C THR A 141 22.98 13.87 -2.36
N PHE A 142 21.76 14.18 -2.83
CA PHE A 142 21.52 14.99 -4.03
C PHE A 142 20.30 15.83 -3.77
N LEU A 143 20.19 16.93 -4.48
CA LEU A 143 18.90 17.62 -4.54
C LEU A 143 17.84 16.63 -4.98
N PHE A 144 16.58 16.98 -4.76
CA PHE A 144 15.52 16.03 -5.05
C PHE A 144 14.30 16.71 -5.50
N ILE A 145 13.40 15.97 -6.16
CA ILE A 145 12.18 16.51 -6.76
C ILE A 145 10.93 15.83 -6.13
N CYS A 146 10.08 16.58 -5.45
CA CYS A 146 8.80 16.03 -4.96
C CYS A 146 7.66 16.30 -5.97
N LYS A 147 6.56 15.51 -5.95
CA LYS A 147 5.39 15.64 -6.86
C LYS A 147 4.18 15.46 -5.95
N ARG A 148 3.17 16.25 -6.26
CA ARG A 148 1.80 15.96 -5.70
C ARG A 148 0.69 16.41 -6.64
N PRO A 149 -0.32 15.55 -6.90
CA PRO A 149 -1.46 15.87 -7.67
C PRO A 149 -2.18 17.11 -7.01
N TYR A 150 -2.71 17.86 -7.93
CA TYR A 150 -3.69 18.90 -7.48
C TYR A 150 -4.97 18.14 -7.09
N VAL A 151 -5.45 18.43 -5.91
CA VAL A 151 -6.73 17.85 -5.42
C VAL A 151 -7.64 19.00 -4.97
N PRO A 152 -8.63 19.31 -5.78
CA PRO A 152 -9.40 20.51 -5.39
C PRO A 152 -10.00 20.55 -3.93
N GLY B 25 -21.11 6.10 19.01
CA GLY B 25 -21.29 4.64 19.34
C GLY B 25 -20.00 3.83 19.27
N TRP B 26 -18.83 4.46 19.06
CA TRP B 26 -17.51 3.74 18.99
C TRP B 26 -17.10 3.19 20.37
N LYS B 27 -16.67 1.92 20.47
N LYS B 27 -16.59 1.99 20.45
CA LYS B 27 -16.14 1.22 21.68
CA LYS B 27 -16.10 1.42 21.67
C LYS B 27 -14.60 1.26 21.72
C LYS B 27 -14.60 1.50 21.65
N TYR B 28 -13.98 1.72 22.79
CA TYR B 28 -12.55 1.94 22.85
C TYR B 28 -11.90 0.68 23.42
N PHE B 29 -10.75 0.20 22.90
CA PHE B 29 -10.03 -0.93 23.35
C PHE B 29 -8.61 -0.86 22.84
N LYS B 30 -7.63 -0.71 23.71
CA LYS B 30 -6.18 -0.97 23.46
C LYS B 30 -5.81 -0.08 22.28
N GLY B 31 -6.01 1.24 22.26
CA GLY B 31 -5.48 2.09 21.20
C GLY B 31 -6.30 2.20 19.95
N ASN B 32 -7.49 1.57 19.91
CA ASN B 32 -8.42 1.67 18.79
C ASN B 32 -9.83 1.90 19.19
N PHE B 33 -10.58 2.46 18.30
CA PHE B 33 -12.01 2.53 18.47
C PHE B 33 -12.73 1.55 17.50
N TYR B 34 -13.84 1.00 17.89
CA TYR B 34 -14.50 -0.07 17.12
C TYR B 34 -15.92 0.37 16.96
N TYR B 35 -16.46 0.26 15.74
CA TYR B 35 -17.85 0.58 15.44
C TYR B 35 -18.60 -0.66 15.03
N PHE B 36 -19.64 -1.08 15.74
CA PHE B 36 -20.41 -2.21 15.44
C PHE B 36 -21.62 -1.69 14.71
N SER B 37 -21.78 -1.98 13.41
CA SER B 37 -22.84 -1.23 12.67
C SER B 37 -24.25 -1.71 13.12
N LEU B 38 -25.24 -0.93 12.65
CA LEU B 38 -26.62 -1.20 12.91
C LEU B 38 -27.33 -1.59 11.58
N ILE B 39 -26.66 -1.27 10.49
CA ILE B 39 -27.20 -1.47 9.13
C ILE B 39 -26.28 -2.53 8.45
N PRO B 40 -26.84 -3.50 7.79
CA PRO B 40 -26.00 -4.50 7.04
C PRO B 40 -25.53 -4.07 5.71
N LYS B 41 -24.37 -4.39 5.29
CA LYS B 41 -23.97 -4.02 3.95
C LYS B 41 -23.09 -5.12 3.37
N THR B 42 -22.82 -5.17 2.05
CA THR B 42 -21.83 -6.10 1.49
C THR B 42 -20.47 -5.79 2.05
N TRP B 43 -19.53 -6.67 1.84
CA TRP B 43 -18.19 -6.48 2.44
C TRP B 43 -17.58 -5.18 1.95
N TYR B 44 -17.61 -4.90 0.64
CA TYR B 44 -16.90 -3.72 0.15
C TYR B 44 -17.72 -2.51 0.46
N SER B 45 -19.03 -2.50 0.45
CA SER B 45 -19.78 -1.31 0.80
C SER B 45 -19.51 -0.98 2.29
N ALA B 46 -19.35 -2.04 3.13
CA ALA B 46 -19.03 -1.79 4.58
C ALA B 46 -17.65 -1.19 4.60
N GLU B 47 -16.65 -1.70 3.95
CA GLU B 47 -15.34 -1.12 3.89
C GLU B 47 -15.38 0.35 3.44
N GLN B 48 -16.20 0.66 2.41
CA GLN B 48 -16.25 2.13 2.05
C GLN B 48 -16.92 2.89 3.10
N PHE B 49 -17.89 2.39 3.82
CA PHE B 49 -18.45 3.07 4.98
C PHE B 49 -17.35 3.35 5.97
N CYS B 50 -16.58 2.33 6.36
CA CYS B 50 -15.50 2.57 7.29
C CYS B 50 -14.50 3.58 6.80
N VAL B 51 -14.05 3.50 5.55
CA VAL B 51 -13.09 4.50 5.03
C VAL B 51 -13.74 5.89 5.12
N SER B 52 -15.00 6.05 4.91
CA SER B 52 -15.62 7.44 5.02
C SER B 52 -15.59 7.95 6.45
N ARG B 53 -15.32 7.10 7.42
CA ARG B 53 -15.27 7.37 8.89
C ARG B 53 -13.80 7.25 9.27
N ASN B 54 -12.82 7.43 8.42
CA ASN B 54 -11.47 7.36 8.78
C ASN B 54 -11.10 6.09 9.48
N SER B 55 -11.60 4.97 8.94
CA SER B 55 -11.37 3.65 9.62
C SER B 55 -11.27 2.59 8.50
N HIS B 56 -11.17 1.34 8.91
CA HIS B 56 -11.19 0.15 8.01
C HIS B 56 -11.97 -0.96 8.68
N LEU B 57 -12.52 -1.90 7.94
CA LEU B 57 -13.05 -3.14 8.56
C LEU B 57 -11.93 -3.69 9.41
N THR B 58 -12.33 -4.17 10.65
CA THR B 58 -11.27 -4.47 11.62
C THR B 58 -10.34 -5.65 11.23
N SER B 59 -9.06 -5.48 11.57
CA SER B 59 -8.18 -6.62 11.70
C SER B 59 -8.31 -7.24 13.10
N VAL B 60 -7.83 -8.45 13.23
CA VAL B 60 -7.79 -9.14 14.54
C VAL B 60 -6.42 -9.79 14.71
N THR B 61 -5.71 -9.35 15.69
CA THR B 61 -4.34 -9.84 15.85
C THR B 61 -3.97 -10.27 17.24
N SER B 62 -4.90 -10.44 18.15
CA SER B 62 -4.63 -11.05 19.43
C SER B 62 -5.85 -11.74 19.90
N GLU B 63 -5.63 -12.77 20.74
CA GLU B 63 -6.81 -13.40 21.39
C GLU B 63 -7.68 -12.39 22.15
N SER B 64 -7.16 -11.39 22.86
CA SER B 64 -7.93 -10.40 23.56
C SER B 64 -8.79 -9.50 22.63
N GLU B 65 -8.27 -9.21 21.44
CA GLU B 65 -9.08 -8.46 20.50
C GLU B 65 -10.15 -9.38 19.90
N GLN B 66 -9.84 -10.61 19.56
CA GLN B 66 -10.89 -11.61 19.18
C GLN B 66 -11.98 -11.68 20.23
N GLU B 67 -11.58 -11.72 21.48
CA GLU B 67 -12.53 -11.87 22.54
C GLU B 67 -13.40 -10.63 22.69
N LEU B 68 -12.84 -9.36 22.69
CA LEU B 68 -13.59 -8.11 22.68
C LEU B 68 -14.71 -8.20 21.56
N LEU B 69 -14.27 -8.62 20.38
CA LEU B 69 -15.20 -8.64 19.22
C LEU B 69 -16.28 -9.65 19.38
N TYR B 70 -15.94 -10.88 19.74
CA TYR B 70 -17.09 -11.87 19.77
C TYR B 70 -17.93 -11.63 21.03
N LYS B 71 -17.41 -11.08 22.11
CA LYS B 71 -18.30 -10.78 23.25
C LYS B 71 -19.22 -9.64 22.91
N THR B 72 -18.70 -8.59 22.28
CA THR B 72 -19.52 -7.41 21.85
C THR B 72 -20.55 -7.81 20.78
N ALA B 73 -20.18 -8.72 19.89
CA ALA B 73 -21.08 -9.09 18.78
C ALA B 73 -22.40 -9.77 19.26
N GLY B 74 -22.39 -10.25 20.54
CA GLY B 74 -23.64 -10.85 21.11
C GLY B 74 -24.25 -11.92 20.29
N GLY B 75 -23.50 -12.75 19.61
CA GLY B 75 -23.98 -13.84 18.81
C GLY B 75 -24.42 -13.57 17.40
N LEU B 76 -24.32 -12.28 16.99
CA LEU B 76 -24.69 -11.83 15.61
C LEU B 76 -23.41 -11.86 14.71
N ILE B 77 -23.65 -11.98 13.42
CA ILE B 77 -22.51 -12.09 12.43
C ILE B 77 -22.16 -10.67 11.97
N TYR B 78 -20.87 -10.40 12.01
CA TYR B 78 -20.28 -9.13 11.49
C TYR B 78 -19.17 -9.39 10.52
N TRP B 79 -19.22 -8.68 9.41
CA TRP B 79 -18.03 -8.62 8.54
C TRP B 79 -16.85 -8.04 9.35
N ILE B 80 -15.68 -8.61 9.09
CA ILE B 80 -14.43 -8.05 9.56
C ILE B 80 -13.49 -7.85 8.34
N GLY B 81 -12.28 -7.35 8.47
CA GLY B 81 -11.41 -6.97 7.33
C GLY B 81 -10.71 -8.05 6.63
N LEU B 82 -11.14 -9.30 6.73
CA LEU B 82 -10.57 -10.49 6.11
CA LEU B 82 -10.54 -10.43 6.18
C LEU B 82 -11.02 -10.57 4.71
N THR B 83 -10.06 -10.70 3.81
CA THR B 83 -10.43 -10.88 2.37
C THR B 83 -9.27 -11.54 1.69
N LYS B 84 -9.57 -12.14 0.48
CA LYS B 84 -8.48 -12.90 -0.17
C LYS B 84 -7.50 -11.91 -0.98
N ALA B 85 -6.28 -12.36 -1.26
CA ALA B 85 -5.29 -11.54 -2.00
C ALA B 85 -4.23 -12.50 -2.59
N GLY B 86 -3.58 -12.09 -3.69
CA GLY B 86 -2.80 -13.02 -4.61
C GLY B 86 -3.47 -14.23 -5.35
N MET B 87 -2.78 -14.65 -6.42
CA MET B 87 -3.08 -15.88 -7.15
C MET B 87 -3.28 -17.11 -6.25
N GLU B 88 -2.59 -17.21 -5.13
CA GLU B 88 -2.84 -18.38 -4.28
C GLU B 88 -4.02 -18.29 -3.30
N GLY B 89 -4.67 -17.10 -3.29
CA GLY B 89 -5.87 -16.78 -2.52
C GLY B 89 -5.63 -16.85 -1.04
N ASP B 90 -4.42 -16.46 -0.63
CA ASP B 90 -4.07 -16.26 0.75
C ASP B 90 -5.03 -15.15 1.31
N TRP B 91 -5.31 -15.37 2.56
CA TRP B 91 -6.14 -14.33 3.27
C TRP B 91 -5.24 -13.12 3.56
N SER B 92 -5.87 -11.97 3.70
CA SER B 92 -5.19 -10.72 3.98
C SER B 92 -6.13 -9.86 4.86
N TRP B 93 -5.56 -8.77 5.40
CA TRP B 93 -6.35 -7.77 6.12
C TRP B 93 -6.52 -6.47 5.29
N VAL B 94 -7.69 -5.93 5.07
CA VAL B 94 -7.81 -4.68 4.31
C VAL B 94 -7.06 -3.53 4.94
N ASP B 95 -6.83 -3.46 6.25
CA ASP B 95 -6.09 -2.34 6.83
C ASP B 95 -4.59 -2.54 6.64
N ASP B 96 -4.13 -3.56 5.94
CA ASP B 96 -2.70 -3.80 5.57
C ASP B 96 -1.87 -4.38 6.69
N THR B 97 -2.46 -4.74 7.86
CA THR B 97 -1.79 -5.59 8.77
C THR B 97 -1.33 -6.87 8.13
N PRO B 98 -0.06 -7.21 8.16
CA PRO B 98 0.33 -8.46 7.48
C PRO B 98 -0.45 -9.61 8.10
N PHE B 99 -0.94 -10.54 7.27
CA PHE B 99 -1.76 -11.68 7.74
C PHE B 99 -0.86 -12.84 8.09
N ASN B 100 -0.94 -13.31 9.31
CA ASN B 100 -0.03 -14.29 9.93
C ASN B 100 -0.80 -15.68 9.89
N LYS B 101 -0.51 -16.49 8.90
CA LYS B 101 -1.25 -17.83 8.77
C LYS B 101 -1.16 -18.72 10.01
N VAL B 102 0.02 -18.75 10.61
CA VAL B 102 0.20 -19.53 11.79
C VAL B 102 -0.41 -19.01 12.99
N GLN B 103 -0.38 -17.72 13.35
CA GLN B 103 -1.02 -17.28 14.55
C GLN B 103 -2.53 -17.14 14.45
N SER B 104 -2.99 -17.09 13.25
CA SER B 104 -4.48 -16.93 13.15
CA SER B 104 -4.46 -16.89 13.05
C SER B 104 -5.19 -18.19 12.88
N ALA B 105 -4.48 -19.34 12.72
CA ALA B 105 -5.20 -20.58 12.27
C ALA B 105 -6.19 -20.88 13.32
N ARG B 106 -5.92 -20.58 14.59
CA ARG B 106 -6.76 -20.88 15.72
C ARG B 106 -8.05 -20.03 15.72
N PHE B 107 -8.08 -19.02 14.86
CA PHE B 107 -9.22 -18.09 15.03
C PHE B 107 -10.35 -18.46 14.08
N TRP B 108 -10.27 -19.46 13.20
CA TRP B 108 -11.31 -19.91 12.36
C TRP B 108 -12.25 -20.95 13.06
N ILE B 109 -13.54 -20.84 12.76
CA ILE B 109 -14.53 -21.97 13.03
C ILE B 109 -13.81 -23.22 12.39
N PRO B 110 -13.83 -24.39 13.22
CA PRO B 110 -13.38 -25.66 12.64
C PRO B 110 -14.02 -25.96 11.27
N GLY B 111 -13.28 -26.36 10.23
CA GLY B 111 -13.76 -26.53 8.92
C GLY B 111 -13.67 -25.32 7.98
N GLU B 112 -13.42 -24.12 8.61
CA GLU B 112 -13.33 -22.95 7.75
C GLU B 112 -11.84 -22.54 7.66
N PRO B 113 -11.50 -21.85 6.60
CA PRO B 113 -12.43 -21.39 5.52
C PRO B 113 -12.75 -22.54 4.59
N ASN B 114 -13.99 -22.73 4.26
CA ASN B 114 -14.27 -23.95 3.50
C ASN B 114 -14.48 -23.63 2.03
N ASN B 115 -14.28 -22.38 1.60
CA ASN B 115 -14.72 -21.88 0.33
C ASN B 115 -16.01 -22.50 -0.31
N ALA B 116 -17.10 -22.54 0.46
CA ALA B 116 -18.44 -22.91 -0.09
C ALA B 116 -18.88 -22.28 -1.42
N GLY B 117 -19.50 -23.10 -2.31
CA GLY B 117 -19.63 -22.71 -3.72
C GLY B 117 -18.45 -22.18 -4.54
N ASN B 118 -17.16 -22.26 -4.14
CA ASN B 118 -16.08 -21.47 -4.82
C ASN B 118 -16.26 -19.94 -4.87
N ASN B 119 -17.01 -19.36 -3.94
CA ASN B 119 -17.27 -17.96 -4.01
C ASN B 119 -17.26 -17.30 -2.58
N GLU B 120 -16.45 -17.86 -1.69
CA GLU B 120 -16.40 -17.21 -0.30
C GLU B 120 -15.03 -16.50 -0.15
N HIS B 121 -14.97 -15.22 -0.50
CA HIS B 121 -13.68 -14.58 -0.50
C HIS B 121 -13.51 -13.44 0.48
N CYS B 122 -14.43 -13.42 1.40
CA CYS B 122 -14.35 -12.41 2.53
C CYS B 122 -14.72 -13.08 3.79
N GLY B 123 -14.34 -12.54 4.94
CA GLY B 123 -14.51 -13.14 6.30
C GLY B 123 -15.29 -12.36 7.22
N ASN B 124 -16.02 -13.09 8.06
CA ASN B 124 -16.83 -12.47 9.15
C ASN B 124 -16.60 -13.13 10.48
N ILE B 125 -16.91 -12.50 11.59
CA ILE B 125 -17.01 -13.10 12.94
CA ILE B 125 -16.98 -13.17 12.89
C ILE B 125 -18.41 -13.67 13.04
N LYS B 126 -18.52 -14.98 13.34
CA LYS B 126 -19.82 -15.73 13.37
CA LYS B 126 -19.81 -15.69 13.41
C LYS B 126 -20.00 -16.38 14.74
N ALA B 127 -19.05 -17.18 15.24
CA ALA B 127 -19.36 -18.04 16.47
C ALA B 127 -18.84 -17.30 17.61
N PRO B 128 -19.44 -17.32 18.84
CA PRO B 128 -18.98 -16.68 20.05
C PRO B 128 -17.86 -17.49 20.71
N SER B 129 -16.71 -17.56 20.09
CA SER B 129 -15.56 -18.42 20.57
C SER B 129 -14.31 -17.78 20.04
N LEU B 130 -13.13 -18.05 20.57
CA LEU B 130 -11.91 -17.78 19.82
C LEU B 130 -11.94 -18.36 18.43
N GLN B 131 -12.59 -19.49 18.19
CA GLN B 131 -12.79 -20.07 16.91
C GLN B 131 -14.05 -19.48 16.36
N ALA B 132 -13.88 -18.26 15.79
CA ALA B 132 -15.06 -17.38 15.43
C ALA B 132 -15.28 -17.19 13.99
N TRP B 133 -14.21 -17.21 13.12
CA TRP B 133 -14.32 -16.72 11.74
C TRP B 133 -14.93 -17.62 10.76
N ASN B 134 -15.72 -17.16 9.82
CA ASN B 134 -16.18 -17.91 8.73
C ASN B 134 -15.86 -17.22 7.45
N ASP B 135 -15.58 -17.88 6.34
CA ASP B 135 -15.62 -17.29 5.05
C ASP B 135 -16.99 -17.24 4.44
N ALA B 136 -17.34 -16.17 3.71
CA ALA B 136 -18.73 -15.99 3.18
C ALA B 136 -18.60 -15.24 1.88
N PRO B 137 -19.62 -15.25 1.03
CA PRO B 137 -19.50 -14.56 -0.18
C PRO B 137 -19.44 -13.04 0.13
N CYS B 138 -18.54 -12.35 -0.57
CA CYS B 138 -18.38 -10.91 -0.27
C CYS B 138 -19.59 -10.08 -0.61
N ASP B 139 -20.43 -10.58 -1.55
CA ASP B 139 -21.64 -9.86 -1.91
C ASP B 139 -22.89 -10.10 -1.03
N LYS B 140 -22.69 -10.88 0.05
CA LYS B 140 -23.73 -11.06 1.09
C LYS B 140 -23.72 -9.88 2.00
N THR B 141 -24.87 -9.52 2.50
CA THR B 141 -24.97 -8.35 3.41
C THR B 141 -24.98 -8.83 4.91
N PHE B 142 -24.11 -8.18 5.70
CA PHE B 142 -24.10 -8.44 7.16
C PHE B 142 -23.85 -7.14 7.85
N LEU B 143 -24.16 -7.07 9.17
CA LEU B 143 -23.59 -6.06 9.97
C LEU B 143 -22.05 -6.11 9.84
N PHE B 144 -21.34 -5.10 10.32
CA PHE B 144 -19.91 -4.99 10.10
C PHE B 144 -19.22 -4.21 11.22
N ILE B 145 -17.91 -4.39 11.38
CA ILE B 145 -17.17 -3.71 12.44
C ILE B 145 -16.02 -2.94 11.83
N CYS B 146 -16.03 -1.63 12.05
CA CYS B 146 -14.86 -0.82 11.71
C CYS B 146 -13.85 -0.66 12.86
N LYS B 147 -12.62 -0.43 12.55
CA LYS B 147 -11.53 -0.13 13.52
C LYS B 147 -10.91 1.17 13.16
N ARG B 148 -10.87 2.17 14.09
CA ARG B 148 -10.27 3.47 13.82
CA ARG B 148 -10.29 3.50 13.83
C ARG B 148 -9.12 3.65 14.83
N PRO B 149 -7.93 3.95 14.39
CA PRO B 149 -6.86 4.12 15.34
C PRO B 149 -7.06 5.38 16.20
N TYR B 150 -6.72 5.27 17.48
CA TYR B 150 -6.68 6.50 18.43
C TYR B 150 -5.24 7.00 18.40
N VAL B 151 -5.12 8.23 18.03
CA VAL B 151 -3.69 8.80 18.03
C VAL B 151 -3.60 9.95 19.11
N PRO B 152 -3.06 9.65 20.26
CA PRO B 152 -3.13 10.77 21.35
C PRO B 152 -2.20 11.88 20.94
N SER C 23 19.76 -16.86 1.86
CA SER C 23 19.86 -16.34 3.29
C SER C 23 19.62 -17.38 4.39
N GLN C 24 20.61 -17.53 5.31
CA GLN C 24 20.46 -18.28 6.57
C GLN C 24 20.71 -17.44 7.81
N GLY C 25 20.43 -18.03 8.98
CA GLY C 25 20.57 -17.38 10.25
C GLY C 25 19.23 -16.79 10.70
N TRP C 26 18.13 -17.23 10.10
CA TRP C 26 16.78 -16.84 10.61
C TRP C 26 16.28 -17.58 11.80
N LYS C 27 15.73 -16.88 12.81
CA LYS C 27 15.26 -17.44 14.06
C LYS C 27 13.72 -17.43 13.96
N TYR C 28 13.00 -18.48 14.29
CA TYR C 28 11.53 -18.62 14.25
C TYR C 28 10.88 -18.26 15.49
N PHE C 29 9.81 -17.42 15.42
CA PHE C 29 9.01 -17.15 16.58
C PHE C 29 7.59 -16.77 16.13
N LYS C 30 6.62 -17.56 16.67
CA LYS C 30 5.19 -17.18 16.41
C LYS C 30 4.90 -16.82 14.97
N GLY C 31 5.18 -17.71 14.06
CA GLY C 31 4.76 -17.48 12.67
C GLY C 31 5.59 -16.55 11.82
N ASN C 32 6.74 -16.11 12.34
CA ASN C 32 7.70 -15.24 11.61
C ASN C 32 9.10 -15.70 11.81
N PHE C 33 9.97 -15.39 10.87
CA PHE C 33 11.39 -15.55 11.03
C PHE C 33 12.04 -14.19 11.15
N TYR C 34 13.12 -14.20 11.91
CA TYR C 34 13.80 -12.88 12.24
C TYR C 34 15.28 -13.02 11.92
N TYR C 35 15.84 -12.00 11.27
CA TYR C 35 17.30 -12.02 10.91
C TYR C 35 17.93 -10.84 11.67
N PHE C 36 18.98 -11.10 12.43
CA PHE C 36 19.71 -10.03 13.17
C PHE C 36 20.97 -9.77 12.39
N SER C 37 21.18 -8.69 11.71
CA SER C 37 22.37 -8.51 10.79
C SER C 37 23.67 -8.50 11.68
N LEU C 38 24.72 -8.80 10.86
CA LEU C 38 26.06 -8.61 11.39
C LEU C 38 26.79 -7.42 10.73
N ILE C 39 26.18 -6.74 9.74
CA ILE C 39 26.77 -5.62 9.03
C ILE C 39 25.80 -4.35 9.28
N PRO C 40 26.33 -3.19 9.65
CA PRO C 40 25.54 -1.94 9.77
C PRO C 40 25.20 -1.25 8.43
N LYS C 41 23.94 -0.73 8.35
CA LYS C 41 23.45 0.07 7.25
C LYS C 41 22.66 1.25 7.76
N THR C 42 22.46 2.18 6.85
CA THR C 42 21.44 3.22 7.15
C THR C 42 20.08 2.50 7.27
N TRP C 43 19.09 3.23 7.81
CA TRP C 43 17.70 2.62 7.89
C TRP C 43 17.18 2.16 6.61
N TYR C 44 17.31 3.01 5.62
CA TYR C 44 16.73 2.67 4.32
C TYR C 44 17.47 1.50 3.56
N SER C 45 18.83 1.69 3.64
CA SER C 45 19.62 0.59 3.02
C SER C 45 19.34 -0.80 3.78
N ALA C 46 19.17 -0.75 5.07
CA ALA C 46 18.78 -1.92 5.93
C ALA C 46 17.44 -2.44 5.33
N GLU C 47 16.44 -1.54 5.13
CA GLU C 47 15.17 -1.90 4.52
C GLU C 47 15.33 -2.58 3.19
N GLN C 48 16.13 -1.96 2.30
CA GLN C 48 16.48 -2.55 1.02
CA GLN C 48 16.30 -2.66 1.04
C GLN C 48 17.03 -3.97 1.11
N PHE C 49 17.92 -4.16 2.07
CA PHE C 49 18.51 -5.52 2.32
C PHE C 49 17.42 -6.44 2.70
N CYS C 50 16.53 -5.98 3.63
CA CYS C 50 15.46 -6.93 4.01
C CYS C 50 14.59 -7.30 2.85
N VAL C 51 14.16 -6.30 2.10
CA VAL C 51 13.29 -6.56 0.90
C VAL C 51 14.05 -7.54 -0.13
N SER C 52 15.34 -7.39 -0.26
CA SER C 52 16.04 -8.40 -1.14
C SER C 52 16.03 -9.77 -0.60
N ARG C 53 15.63 -9.98 0.66
CA ARG C 53 15.54 -11.32 1.37
C ARG C 53 14.05 -11.58 1.65
N ASN C 54 13.13 -10.95 0.92
CA ASN C 54 11.70 -11.20 0.99
C ASN C 54 11.21 -10.90 2.44
N SER C 55 11.67 -9.72 2.92
CA SER C 55 11.27 -9.43 4.32
C SER C 55 11.22 -7.90 4.41
N HIS C 56 10.99 -7.45 5.65
CA HIS C 56 11.00 -6.01 5.99
C HIS C 56 11.73 -5.82 7.30
N LEU C 57 12.23 -4.63 7.55
CA LEU C 57 12.59 -4.34 8.94
C LEU C 57 11.46 -4.57 9.87
N THR C 58 11.76 -5.19 11.05
CA THR C 58 10.66 -5.75 11.78
C THR C 58 9.73 -4.73 12.44
N SER C 59 8.43 -5.03 12.47
CA SER C 59 7.49 -4.39 13.38
C SER C 59 7.55 -5.10 14.73
N VAL C 60 6.89 -4.50 15.70
CA VAL C 60 6.72 -5.03 17.07
C VAL C 60 5.40 -4.75 17.58
N THR C 61 4.66 -5.82 17.81
CA THR C 61 3.21 -5.65 18.14
C THR C 61 2.74 -6.44 19.33
N SER C 62 3.65 -7.00 20.09
CA SER C 62 3.19 -7.58 21.35
C SER C 62 4.40 -7.50 22.25
N GLU C 63 4.07 -7.69 23.55
CA GLU C 63 5.15 -7.79 24.48
C GLU C 63 6.10 -8.97 24.30
N SER C 64 5.61 -10.16 23.99
CA SER C 64 6.48 -11.29 23.75
C SER C 64 7.44 -11.08 22.56
N GLU C 65 6.93 -10.37 21.53
CA GLU C 65 7.84 -10.02 20.45
C GLU C 65 8.87 -9.03 20.79
N GLN C 66 8.46 -8.00 21.50
CA GLN C 66 9.52 -7.15 22.03
C GLN C 66 10.61 -7.84 22.93
N GLU C 67 10.10 -8.73 23.77
CA GLU C 67 10.97 -9.53 24.66
CA GLU C 67 11.02 -9.46 24.62
C GLU C 67 11.95 -10.32 23.80
N LEU C 68 11.44 -11.09 22.77
CA LEU C 68 12.34 -11.82 21.91
C LEU C 68 13.39 -10.98 21.33
N LEU C 69 12.96 -9.82 20.82
CA LEU C 69 13.87 -8.98 20.14
C LEU C 69 14.94 -8.30 21.07
N TYR C 70 14.51 -7.73 22.20
CA TYR C 70 15.59 -7.13 23.00
C TYR C 70 16.56 -8.17 23.67
N LYS C 71 15.97 -9.32 24.00
CA LYS C 71 16.82 -10.44 24.64
C LYS C 71 17.78 -10.84 23.58
N THR C 72 17.28 -11.14 22.33
CA THR C 72 18.19 -11.50 21.27
C THR C 72 19.27 -10.53 20.92
N ALA C 73 18.90 -9.27 20.92
CA ALA C 73 19.82 -8.18 20.58
C ALA C 73 21.08 -8.06 21.57
N GLY C 74 20.75 -8.53 22.76
CA GLY C 74 21.96 -8.85 23.64
C GLY C 74 22.57 -7.55 23.99
N GLY C 75 21.79 -6.45 24.07
CA GLY C 75 22.29 -5.24 24.61
C GLY C 75 22.98 -4.44 23.57
N LEU C 76 23.01 -4.90 22.25
CA LEU C 76 23.46 -4.21 21.08
C LEU C 76 22.30 -3.36 20.29
N ILE C 77 22.61 -2.32 19.51
CA ILE C 77 21.52 -1.47 18.93
CA ILE C 77 21.57 -1.44 18.85
C ILE C 77 21.25 -1.90 17.46
N TYR C 78 19.91 -2.12 17.15
CA TYR C 78 19.46 -2.53 15.81
C TYR C 78 18.33 -1.63 15.24
N TRP C 79 18.49 -1.26 14.03
CA TRP C 79 17.32 -0.63 13.30
C TRP C 79 16.15 -1.65 13.42
N ILE C 80 14.96 -1.13 13.68
CA ILE C 80 13.69 -1.86 13.45
C ILE C 80 12.92 -1.02 12.46
N GLY C 81 11.69 -1.48 12.06
CA GLY C 81 10.85 -0.90 11.01
C GLY C 81 10.13 0.40 11.40
N LEU C 82 10.54 1.09 12.44
CA LEU C 82 9.91 2.35 12.91
C LEU C 82 10.39 3.46 12.14
N THR C 83 9.51 4.27 11.58
CA THR C 83 9.87 5.44 10.86
C THR C 83 8.71 6.46 10.86
N LYS C 84 9.03 7.77 10.76
CA LYS C 84 7.89 8.75 10.66
C LYS C 84 7.36 8.71 9.26
N ALA C 85 6.02 8.96 9.13
CA ALA C 85 5.29 9.07 7.84
C ALA C 85 4.02 9.97 7.99
N GLY C 86 3.47 10.42 6.85
CA GLY C 86 2.34 11.43 6.85
C GLY C 86 2.77 12.83 7.27
N MET C 87 1.85 13.81 7.29
CA MET C 87 2.27 15.20 7.58
C MET C 87 2.45 15.59 9.05
N GLU C 88 1.96 14.77 10.00
CA GLU C 88 2.15 15.06 11.44
C GLU C 88 3.42 14.39 11.99
N GLY C 89 4.09 13.64 11.10
CA GLY C 89 5.32 12.96 11.48
C GLY C 89 4.92 11.88 12.46
N ASP C 90 3.69 11.26 12.34
CA ASP C 90 3.40 10.17 13.26
C ASP C 90 4.26 8.98 12.94
N TRP C 91 4.59 8.20 13.96
CA TRP C 91 5.40 6.99 13.70
C TRP C 91 4.58 5.92 12.97
N SER C 92 5.31 5.07 12.20
CA SER C 92 4.63 4.07 11.34
C SER C 92 5.60 2.89 11.31
N TRP C 93 5.06 1.81 10.78
CA TRP C 93 5.81 0.59 10.48
C TRP C 93 6.04 0.48 8.96
N VAL C 94 7.26 0.22 8.56
CA VAL C 94 7.54 0.11 7.09
C VAL C 94 6.90 -1.11 6.55
N ASP C 95 6.58 -2.14 7.34
CA ASP C 95 5.81 -3.34 6.76
C ASP C 95 4.37 -3.12 6.60
N ASP C 96 3.89 -1.92 6.94
CA ASP C 96 2.48 -1.42 6.79
C ASP C 96 1.54 -1.94 7.88
N THR C 97 2.08 -2.63 8.92
CA THR C 97 1.26 -2.84 10.16
C THR C 97 0.79 -1.51 10.65
N PRO C 98 -0.47 -1.25 10.86
CA PRO C 98 -0.90 -0.05 11.54
C PRO C 98 -0.16 0.17 12.89
N PHE C 99 0.34 1.36 13.08
CA PHE C 99 1.10 1.71 14.28
C PHE C 99 0.15 2.10 15.38
N ASN C 100 0.26 1.39 16.47
CA ASN C 100 -0.65 1.58 17.65
C ASN C 100 0.14 2.51 18.68
N LYS C 101 -0.14 3.81 18.66
CA LYS C 101 0.61 4.69 19.52
C LYS C 101 0.41 4.41 21.01
N VAL C 102 -0.81 4.13 21.41
CA VAL C 102 -1.12 3.86 22.84
C VAL C 102 -0.39 2.62 23.29
N GLN C 103 -0.45 1.52 22.54
CA GLN C 103 0.12 0.26 22.93
C GLN C 103 1.63 0.25 22.71
N SER C 104 2.18 1.12 21.99
CA SER C 104 3.65 1.18 21.81
C SER C 104 4.30 2.10 22.78
N ALA C 105 3.51 2.95 23.52
CA ALA C 105 4.20 3.93 24.39
C ALA C 105 5.08 3.25 25.42
N ARG C 106 4.65 2.11 25.86
CA ARG C 106 5.48 1.39 26.84
C ARG C 106 6.76 0.77 26.26
N PHE C 107 6.99 0.81 24.92
CA PHE C 107 8.14 0.15 24.38
C PHE C 107 9.26 1.12 24.07
N TRP C 108 9.04 2.43 24.25
CA TRP C 108 10.13 3.46 24.10
C TRP C 108 10.94 3.59 25.45
N ILE C 109 12.20 3.87 25.31
CA ILE C 109 13.03 4.24 26.46
C ILE C 109 12.40 5.55 27.00
N PRO C 110 12.30 5.70 28.34
CA PRO C 110 11.75 6.92 28.93
C PRO C 110 12.36 8.17 28.41
N GLY C 111 11.52 9.09 27.95
CA GLY C 111 12.01 10.29 27.31
C GLY C 111 12.20 10.23 25.80
N GLU C 112 12.12 9.01 25.21
CA GLU C 112 12.07 8.88 23.76
C GLU C 112 10.60 8.79 23.33
N PRO C 113 10.38 9.14 22.05
CA PRO C 113 11.27 9.74 21.05
C PRO C 113 11.59 11.24 21.29
N ASN C 114 12.85 11.57 21.37
CA ASN C 114 13.15 13.02 21.76
C ASN C 114 13.48 13.87 20.58
N ASN C 115 13.50 13.32 19.33
CA ASN C 115 13.82 14.10 18.16
C ASN C 115 15.05 14.97 18.34
N ALA C 116 16.13 14.38 18.87
CA ALA C 116 17.46 15.16 18.94
C ALA C 116 17.87 15.86 17.67
N GLY C 117 18.19 17.18 17.77
CA GLY C 117 18.50 17.93 16.56
C GLY C 117 17.37 18.10 15.60
N ASN C 118 16.12 17.79 16.01
CA ASN C 118 15.02 17.78 14.99
C ASN C 118 15.31 16.96 13.73
N ASN C 119 16.03 15.83 13.96
CA ASN C 119 16.46 15.08 12.86
C ASN C 119 16.38 13.56 13.16
N GLU C 120 15.54 13.14 14.07
CA GLU C 120 15.55 11.64 14.37
C GLU C 120 14.19 11.05 13.92
N HIS C 121 14.21 10.61 12.63
CA HIS C 121 12.96 10.17 11.91
C HIS C 121 12.86 8.64 11.67
N CYS C 122 13.71 7.93 12.36
CA CYS C 122 13.69 6.43 12.33
C CYS C 122 13.92 5.90 13.63
N GLY C 123 13.61 4.63 13.92
CA GLY C 123 13.73 4.10 15.24
C GLY C 123 14.44 2.72 15.36
N ASN C 124 15.07 2.52 16.50
CA ASN C 124 15.89 1.30 16.75
C ASN C 124 15.62 0.75 18.12
N ILE C 125 16.02 -0.56 18.31
CA ILE C 125 16.02 -1.16 19.59
C ILE C 125 17.40 -0.89 20.21
N LYS C 126 17.37 -0.19 21.31
CA LYS C 126 18.68 0.29 21.90
C LYS C 126 18.84 -0.37 23.29
N ALA C 127 17.90 -0.53 24.11
CA ALA C 127 18.22 -0.94 25.55
C ALA C 127 17.68 -2.34 25.63
N PRO C 128 18.23 -3.21 26.51
CA PRO C 128 17.74 -4.51 26.80
C PRO C 128 16.65 -4.44 27.84
N SER C 129 15.44 -3.93 27.51
CA SER C 129 14.43 -3.75 28.44
C SER C 129 13.10 -3.79 27.58
N LEU C 130 11.97 -4.03 28.16
CA LEU C 130 10.74 -3.68 27.36
C LEU C 130 10.68 -2.26 26.95
N GLN C 131 11.29 -1.26 27.65
CA GLN C 131 11.47 0.19 27.21
CA GLN C 131 11.36 0.10 27.31
C GLN C 131 12.70 0.14 26.51
N ALA C 132 12.66 -0.25 25.26
CA ALA C 132 13.77 -0.39 24.46
C ALA C 132 14.17 0.56 23.36
N TRP C 133 13.06 1.20 22.79
CA TRP C 133 13.31 1.90 21.54
C TRP C 133 13.85 3.35 21.66
N ASN C 134 14.67 3.72 20.75
CA ASN C 134 15.10 5.14 20.61
C ASN C 134 14.87 5.56 19.16
N ASP C 135 14.63 6.87 18.95
CA ASP C 135 14.70 7.47 17.65
C ASP C 135 16.07 7.99 17.34
N ALA C 136 16.48 7.87 16.13
CA ALA C 136 17.80 8.25 15.70
C ALA C 136 17.75 8.73 14.33
N PRO C 137 18.77 9.43 13.77
CA PRO C 137 18.70 9.85 12.47
C PRO C 137 18.71 8.70 11.40
N CYS C 138 17.90 8.80 10.38
CA CYS C 138 17.78 7.66 9.39
C CYS C 138 19.06 7.34 8.70
N ASP C 139 19.89 8.38 8.49
CA ASP C 139 21.09 8.15 7.74
C ASP C 139 22.27 7.77 8.70
N LYS C 140 22.05 7.49 9.94
CA LYS C 140 23.08 6.82 10.74
CA LYS C 140 23.03 6.81 10.85
C LYS C 140 23.12 5.33 10.49
N THR C 141 24.27 4.66 10.66
CA THR C 141 24.35 3.22 10.37
C THR C 141 24.34 2.38 11.65
N PHE C 142 23.50 1.30 11.71
CA PHE C 142 23.39 0.39 12.82
C PHE C 142 23.17 -1.03 12.18
N LEU C 143 23.41 -2.00 13.08
CA LEU C 143 22.92 -3.37 12.63
C LEU C 143 21.38 -3.24 12.55
N PHE C 144 20.75 -4.26 11.95
CA PHE C 144 19.25 -4.15 11.73
C PHE C 144 18.61 -5.53 11.86
N ILE C 145 17.29 -5.56 12.08
CA ILE C 145 16.47 -6.80 12.27
C ILE C 145 15.47 -6.83 11.13
N CYS C 146 15.50 -7.89 10.33
CA CYS C 146 14.44 -8.17 9.35
C CYS C 146 13.46 -9.18 9.88
N LYS C 147 12.19 -9.13 9.42
CA LYS C 147 11.09 -10.08 9.80
C LYS C 147 10.48 -10.49 8.47
N ARG C 148 10.29 -11.86 8.42
CA ARG C 148 9.71 -12.50 7.23
C ARG C 148 8.60 -13.45 7.68
N PRO C 149 7.42 -13.47 7.09
CA PRO C 149 6.37 -14.37 7.45
C PRO C 149 6.79 -15.83 7.09
N TYR C 150 6.49 -16.72 8.01
CA TYR C 150 6.55 -18.15 7.68
C TYR C 150 5.46 -18.45 6.63
N VAL C 151 5.92 -19.06 5.59
CA VAL C 151 4.97 -19.54 4.56
C VAL C 151 4.91 -21.10 4.67
N PRO C 152 3.68 -21.64 4.90
CA PRO C 152 3.40 -23.11 4.97
C PRO C 152 3.65 -23.91 3.67
N SER D 23 -4.58 -18.09 -18.97
CA SER D 23 -5.91 -17.81 -19.67
C SER D 23 -5.58 -17.09 -20.95
N GLN D 24 -6.30 -17.43 -21.99
CA GLN D 24 -6.34 -16.56 -23.16
C GLN D 24 -7.16 -15.34 -22.74
N GLY D 25 -7.30 -14.41 -23.65
CA GLY D 25 -8.09 -13.29 -23.44
C GLY D 25 -7.36 -12.05 -22.89
N TRP D 26 -6.06 -12.11 -22.76
CA TRP D 26 -5.23 -11.00 -22.26
C TRP D 26 -4.68 -10.31 -23.46
N LYS D 27 -5.03 -9.08 -23.75
CA LYS D 27 -4.60 -8.29 -24.91
C LYS D 27 -3.52 -7.38 -24.51
N TYR D 28 -2.40 -7.41 -25.17
CA TYR D 28 -1.24 -6.51 -24.93
C TYR D 28 -1.35 -5.12 -25.42
N PHE D 29 -0.92 -4.11 -24.63
CA PHE D 29 -0.86 -2.68 -25.06
C PHE D 29 0.09 -1.96 -24.17
N LYS D 30 1.19 -1.37 -24.67
CA LYS D 30 2.07 -0.46 -24.01
C LYS D 30 2.48 -0.92 -22.64
N GLY D 31 2.99 -2.15 -22.58
CA GLY D 31 3.52 -2.63 -21.35
C GLY D 31 2.60 -3.21 -20.27
N ASN D 32 1.36 -3.39 -20.63
CA ASN D 32 0.37 -4.10 -19.80
C ASN D 32 -0.45 -5.07 -20.62
N PHE D 33 -1.10 -6.03 -20.02
CA PHE D 33 -2.08 -6.83 -20.59
C PHE D 33 -3.47 -6.50 -20.03
N TYR D 34 -4.49 -6.63 -20.83
CA TYR D 34 -5.83 -6.24 -20.49
C TYR D 34 -6.78 -7.40 -20.70
N TYR D 35 -7.62 -7.78 -19.71
CA TYR D 35 -8.57 -8.88 -19.75
C TYR D 35 -9.94 -8.29 -19.76
N PHE D 36 -10.87 -8.54 -20.70
CA PHE D 36 -12.20 -8.07 -20.77
C PHE D 36 -13.06 -9.28 -20.37
N SER D 37 -13.70 -9.29 -19.20
CA SER D 37 -14.29 -10.55 -18.66
C SER D 37 -15.50 -11.04 -19.55
N LEU D 38 -15.82 -12.32 -19.39
CA LEU D 38 -17.01 -12.89 -20.02
C LEU D 38 -18.16 -13.02 -19.00
N ILE D 39 -17.84 -12.98 -17.73
CA ILE D 39 -18.91 -13.05 -16.70
C ILE D 39 -19.01 -11.75 -15.93
N PRO D 40 -20.15 -11.34 -15.51
CA PRO D 40 -20.40 -10.09 -14.78
C PRO D 40 -20.25 -10.34 -13.27
N LYS D 41 -19.67 -9.32 -12.56
CA LYS D 41 -19.50 -9.36 -11.09
CA LYS D 41 -19.50 -9.36 -11.08
C LYS D 41 -19.77 -8.02 -10.54
N THR D 42 -19.92 -8.02 -9.22
CA THR D 42 -19.93 -6.67 -8.53
C THR D 42 -18.48 -6.03 -8.63
N TRP D 43 -18.36 -4.75 -8.29
CA TRP D 43 -17.05 -4.15 -8.47
C TRP D 43 -16.01 -4.88 -7.66
N TYR D 44 -16.29 -5.20 -6.36
CA TYR D 44 -15.30 -5.81 -5.62
C TYR D 44 -15.00 -7.28 -5.96
N SER D 45 -16.12 -7.98 -6.29
CA SER D 45 -15.90 -9.36 -6.68
C SER D 45 -15.00 -9.44 -8.01
N ALA D 46 -15.21 -8.39 -8.85
CA ALA D 46 -14.41 -8.26 -10.09
C ALA D 46 -12.94 -8.02 -9.69
N GLU D 47 -12.72 -7.06 -8.71
CA GLU D 47 -11.35 -6.87 -8.26
C GLU D 47 -10.66 -8.09 -7.72
N GLN D 48 -11.48 -8.78 -6.92
CA GLN D 48 -10.95 -10.04 -6.36
C GLN D 48 -10.57 -11.09 -7.51
N PHE D 49 -11.41 -11.15 -8.52
CA PHE D 49 -10.99 -12.04 -9.65
C PHE D 49 -9.70 -11.53 -10.33
N CYS D 50 -9.58 -10.17 -10.51
CA CYS D 50 -8.34 -9.64 -11.04
C CYS D 50 -7.13 -9.99 -10.21
N VAL D 51 -7.26 -9.73 -8.88
CA VAL D 51 -6.09 -10.07 -7.92
C VAL D 51 -5.71 -11.60 -7.97
N SER D 52 -6.72 -12.45 -8.15
CA SER D 52 -6.47 -13.88 -8.17
C SER D 52 -5.70 -14.19 -9.45
N ARG D 53 -5.74 -13.29 -10.45
CA ARG D 53 -5.06 -13.44 -11.71
C ARG D 53 -3.83 -12.49 -11.74
N ASN D 54 -3.29 -12.08 -10.59
CA ASN D 54 -2.08 -11.23 -10.52
C ASN D 54 -2.21 -9.89 -11.28
N SER D 55 -3.44 -9.34 -11.03
CA SER D 55 -3.81 -8.11 -11.79
C SER D 55 -4.66 -7.26 -10.89
N HIS D 56 -5.18 -6.15 -11.45
CA HIS D 56 -6.19 -5.33 -10.76
C HIS D 56 -7.20 -4.76 -11.76
N LEU D 57 -8.36 -4.35 -11.36
CA LEU D 57 -9.23 -3.59 -12.27
C LEU D 57 -8.40 -2.43 -12.87
N THR D 58 -8.64 -2.15 -14.14
CA THR D 58 -7.68 -1.26 -14.77
C THR D 58 -7.85 0.21 -14.32
N SER D 59 -6.68 0.89 -14.24
CA SER D 59 -6.60 2.31 -14.28
C SER D 59 -6.56 2.82 -15.72
N VAL D 60 -6.79 4.09 -15.83
CA VAL D 60 -6.76 4.72 -17.21
C VAL D 60 -6.02 6.04 -17.06
N THR D 61 -4.86 6.18 -17.69
CA THR D 61 -4.01 7.38 -17.45
C THR D 61 -3.62 8.09 -18.82
N SER D 62 -4.21 7.68 -19.92
CA SER D 62 -3.92 8.33 -21.22
C SER D 62 -5.08 8.21 -22.10
N GLU D 63 -5.06 9.10 -23.16
CA GLU D 63 -6.04 8.94 -24.15
C GLU D 63 -5.96 7.63 -24.97
N SER D 64 -4.71 7.21 -25.30
CA SER D 64 -4.61 6.01 -26.02
C SER D 64 -5.08 4.75 -25.26
N GLU D 65 -4.87 4.79 -23.88
CA GLU D 65 -5.44 3.62 -23.10
C GLU D 65 -7.00 3.65 -23.04
N GLN D 66 -7.51 4.90 -22.81
CA GLN D 66 -8.94 5.02 -22.85
C GLN D 66 -9.56 4.54 -24.21
N GLU D 67 -8.88 4.90 -25.32
CA GLU D 67 -9.34 4.47 -26.63
CA GLU D 67 -9.34 4.47 -26.65
C GLU D 67 -9.36 2.95 -26.81
N LEU D 68 -8.26 2.31 -26.31
CA LEU D 68 -8.27 0.88 -26.34
C LEU D 68 -9.50 0.31 -25.72
N LEU D 69 -9.75 0.88 -24.48
CA LEU D 69 -10.82 0.21 -23.71
C LEU D 69 -12.23 0.41 -24.27
N TYR D 70 -12.47 1.67 -24.72
CA TYR D 70 -13.82 1.88 -25.23
C TYR D 70 -14.07 1.19 -26.61
N LYS D 71 -13.00 1.15 -27.43
CA LYS D 71 -13.18 0.49 -28.76
C LYS D 71 -13.35 -1.02 -28.56
N THR D 72 -12.56 -1.58 -27.64
CA THR D 72 -12.70 -2.99 -27.40
C THR D 72 -14.04 -3.30 -26.75
N ALA D 73 -14.44 -2.40 -25.83
CA ALA D 73 -15.69 -2.66 -25.14
C ALA D 73 -16.92 -2.80 -26.03
N GLY D 74 -16.90 -2.01 -27.11
CA GLY D 74 -18.19 -1.87 -28.02
C GLY D 74 -19.37 -1.35 -27.15
N GLY D 75 -20.41 -2.13 -27.19
CA GLY D 75 -21.56 -1.56 -26.52
C GLY D 75 -21.71 -2.06 -25.10
N LEU D 76 -20.79 -2.93 -24.68
CA LEU D 76 -20.94 -3.58 -23.33
C LEU D 76 -20.27 -2.69 -22.22
N ILE D 77 -20.91 -2.72 -21.08
CA ILE D 77 -20.50 -1.94 -19.90
C ILE D 77 -19.52 -2.74 -19.09
N TYR D 78 -18.33 -2.16 -18.76
CA TYR D 78 -17.35 -2.88 -17.94
C TYR D 78 -16.91 -2.01 -16.72
N TRP D 79 -16.86 -2.64 -15.54
CA TRP D 79 -16.14 -2.03 -14.40
C TRP D 79 -14.70 -1.77 -14.76
N ILE D 80 -14.24 -0.58 -14.33
CA ILE D 80 -12.80 -0.32 -14.29
C ILE D 80 -12.40 -0.04 -12.85
N GLY D 81 -11.15 0.26 -12.57
CA GLY D 81 -10.64 0.39 -11.19
C GLY D 81 -10.99 1.60 -10.45
N LEU D 82 -11.96 2.38 -10.80
CA LEU D 82 -12.32 3.66 -10.24
C LEU D 82 -13.27 3.50 -9.13
N THR D 83 -12.88 3.99 -7.97
CA THR D 83 -13.72 3.86 -6.78
C THR D 83 -13.52 5.06 -5.86
N LYS D 84 -14.53 5.40 -5.06
CA LYS D 84 -14.25 6.42 -4.02
C LYS D 84 -13.46 5.91 -2.82
N ALA D 85 -12.62 6.78 -2.28
CA ALA D 85 -11.80 6.40 -1.11
C ALA D 85 -11.33 7.60 -0.34
N GLY D 86 -10.74 7.40 0.85
CA GLY D 86 -10.55 8.52 1.81
C GLY D 86 -11.82 9.21 2.37
N MET D 87 -11.66 10.34 3.04
CA MET D 87 -12.73 10.87 3.90
C MET D 87 -13.73 11.70 3.12
N GLU D 88 -13.23 12.39 2.06
CA GLU D 88 -14.05 13.27 1.18
C GLU D 88 -14.68 12.52 -0.07
N GLY D 89 -14.53 11.18 -0.06
CA GLY D 89 -14.92 10.30 -1.15
C GLY D 89 -14.37 10.80 -2.50
N ASP D 90 -13.11 11.27 -2.51
CA ASP D 90 -12.47 11.56 -3.81
C ASP D 90 -12.35 10.22 -4.53
N TRP D 91 -12.40 10.27 -5.84
CA TRP D 91 -12.09 9.11 -6.72
C TRP D 91 -10.67 8.69 -6.61
N SER D 92 -10.44 7.38 -6.81
CA SER D 92 -9.14 6.79 -6.62
C SER D 92 -9.09 5.64 -7.56
N TRP D 93 -7.90 5.11 -7.78
CA TRP D 93 -7.66 3.89 -8.54
C TRP D 93 -7.28 2.75 -7.64
N VAL D 94 -7.91 1.57 -7.78
CA VAL D 94 -7.63 0.42 -6.91
C VAL D 94 -6.23 -0.10 -7.08
N ASP D 95 -5.57 0.13 -8.17
CA ASP D 95 -4.21 -0.29 -8.40
C ASP D 95 -3.13 0.64 -7.74
N ASP D 96 -3.61 1.72 -7.12
CA ASP D 96 -2.84 2.69 -6.36
C ASP D 96 -2.18 3.73 -7.24
N THR D 97 -2.43 3.72 -8.57
CA THR D 97 -2.06 4.91 -9.32
C THR D 97 -2.62 6.16 -8.65
N PRO D 98 -1.84 7.19 -8.40
CA PRO D 98 -2.40 8.41 -7.79
C PRO D 98 -3.43 8.99 -8.80
N PHE D 99 -4.61 9.35 -8.33
CA PHE D 99 -5.66 9.86 -9.26
C PHE D 99 -5.42 11.35 -9.61
N ASN D 100 -5.43 11.60 -10.87
CA ASN D 100 -5.21 12.93 -11.38
C ASN D 100 -6.56 13.47 -11.84
N LYS D 101 -7.25 14.27 -10.98
CA LYS D 101 -8.58 14.77 -11.36
C LYS D 101 -8.52 15.67 -12.57
N VAL D 102 -7.55 16.53 -12.71
CA VAL D 102 -7.45 17.42 -13.91
C VAL D 102 -7.39 16.67 -15.20
N GLN D 103 -6.53 15.61 -15.21
CA GLN D 103 -6.31 14.97 -16.43
C GLN D 103 -7.33 13.87 -16.68
N SER D 104 -8.15 13.57 -15.70
CA SER D 104 -9.23 12.55 -15.83
C SER D 104 -10.56 13.17 -16.22
N ALA D 105 -10.70 14.53 -16.17
CA ALA D 105 -12.00 15.13 -16.42
C ALA D 105 -12.50 14.88 -17.81
N ARG D 106 -11.66 14.70 -18.76
CA ARG D 106 -11.98 14.48 -20.14
C ARG D 106 -12.56 13.08 -20.40
N PHE D 107 -12.50 12.13 -19.44
CA PHE D 107 -12.91 10.79 -19.72
C PHE D 107 -14.29 10.47 -19.13
N TRP D 108 -14.95 11.38 -18.41
CA TRP D 108 -16.27 11.15 -17.87
C TRP D 108 -17.36 11.44 -19.00
N ILE D 109 -18.37 10.62 -19.03
CA ILE D 109 -19.61 10.95 -19.88
C ILE D 109 -20.04 12.35 -19.41
N PRO D 110 -20.59 13.21 -20.28
CA PRO D 110 -21.13 14.54 -19.79
C PRO D 110 -22.22 14.38 -18.75
N GLY D 111 -22.11 15.16 -17.66
CA GLY D 111 -22.97 15.08 -16.51
C GLY D 111 -22.55 14.02 -15.46
N GLU D 112 -21.59 13.13 -15.79
CA GLU D 112 -21.09 12.15 -14.80
C GLU D 112 -19.79 12.77 -14.13
N PRO D 113 -19.50 12.37 -12.88
CA PRO D 113 -20.30 11.46 -12.08
C PRO D 113 -21.60 12.17 -11.56
N ASN D 114 -22.74 11.48 -11.44
CA ASN D 114 -23.98 12.17 -10.95
C ASN D 114 -24.45 11.63 -9.61
N ASN D 115 -23.79 10.61 -9.07
CA ASN D 115 -24.11 10.09 -7.73
C ASN D 115 -25.60 9.84 -7.64
N ALA D 116 -26.13 9.09 -8.58
CA ALA D 116 -27.59 8.79 -8.59
C ALA D 116 -28.00 8.06 -7.28
N GLY D 117 -29.05 8.61 -6.61
CA GLY D 117 -29.50 8.12 -5.31
C GLY D 117 -28.46 8.13 -4.23
N ASN D 118 -27.48 9.04 -4.30
CA ASN D 118 -26.36 9.13 -3.32
C ASN D 118 -25.65 7.78 -3.06
N ASN D 119 -25.54 6.92 -4.06
CA ASN D 119 -25.06 5.52 -3.82
CA ASN D 119 -24.93 5.62 -3.72
C ASN D 119 -24.11 5.01 -4.93
N GLU D 120 -23.56 5.92 -5.68
CA GLU D 120 -22.69 5.50 -6.90
C GLU D 120 -21.23 5.75 -6.61
N HIS D 121 -20.63 4.74 -6.06
CA HIS D 121 -19.25 4.94 -5.46
C HIS D 121 -18.14 4.15 -6.21
N CYS D 122 -18.50 3.65 -7.40
CA CYS D 122 -17.53 2.81 -8.29
C CYS D 122 -17.73 3.33 -9.69
N GLY D 123 -16.77 3.08 -10.56
CA GLY D 123 -16.91 3.61 -11.97
C GLY D 123 -16.74 2.51 -12.98
N ASN D 124 -17.52 2.70 -14.08
CA ASN D 124 -17.45 1.75 -15.29
C ASN D 124 -17.27 2.58 -16.52
N ILE D 125 -16.82 1.92 -17.62
CA ILE D 125 -16.84 2.39 -19.04
CA ILE D 125 -16.91 2.51 -18.95
C ILE D 125 -18.19 1.99 -19.60
N LYS D 126 -18.96 2.97 -20.06
CA LYS D 126 -20.31 2.80 -20.57
C LYS D 126 -20.47 3.26 -22.03
N ALA D 127 -19.93 4.34 -22.43
CA ALA D 127 -20.29 4.94 -23.81
C ALA D 127 -19.19 4.67 -24.74
N PRO D 128 -19.45 4.61 -26.02
CA PRO D 128 -18.49 4.36 -27.02
C PRO D 128 -17.74 5.63 -27.52
N SER D 129 -16.99 6.32 -26.61
CA SER D 129 -16.44 7.64 -26.85
C SER D 129 -15.24 7.77 -25.85
N LEU D 130 -14.34 8.67 -26.08
CA LEU D 130 -13.31 8.97 -25.05
C LEU D 130 -14.04 9.47 -23.79
N GLN D 131 -15.17 10.11 -23.82
CA GLN D 131 -16.01 10.39 -22.70
C GLN D 131 -16.87 9.22 -22.42
N ALA D 132 -16.36 8.29 -21.59
CA ALA D 132 -17.00 6.97 -21.46
C ALA D 132 -17.38 6.60 -20.05
N TRP D 133 -16.78 7.29 -19.01
CA TRP D 133 -16.97 6.76 -17.64
C TRP D 133 -18.25 7.21 -17.05
N ASN D 134 -18.86 6.31 -16.24
CA ASN D 134 -20.03 6.55 -15.48
C ASN D 134 -19.79 6.07 -14.05
N ASP D 135 -20.31 6.81 -13.02
CA ASP D 135 -20.42 6.23 -11.65
C ASP D 135 -21.66 5.37 -11.55
N ALA D 136 -21.53 4.27 -10.85
CA ALA D 136 -22.64 3.33 -10.63
C ALA D 136 -22.48 2.72 -9.23
N PRO D 137 -23.53 2.09 -8.65
CA PRO D 137 -23.38 1.43 -7.35
C PRO D 137 -22.47 0.24 -7.39
N CYS D 138 -21.60 0.13 -6.37
CA CYS D 138 -20.58 -0.88 -6.31
C CYS D 138 -21.09 -2.29 -6.31
N ASP D 139 -22.35 -2.43 -5.81
CA ASP D 139 -22.93 -3.74 -5.65
C ASP D 139 -23.71 -4.23 -6.89
N LYS D 140 -23.72 -3.42 -7.92
CA LYS D 140 -24.30 -3.83 -9.21
CA LYS D 140 -24.31 -3.80 -9.21
C LYS D 140 -23.36 -4.68 -10.00
N THR D 141 -23.84 -5.65 -10.79
CA THR D 141 -23.01 -6.59 -11.53
C THR D 141 -22.79 -6.12 -13.00
N PHE D 142 -21.51 -6.10 -13.40
CA PHE D 142 -21.18 -5.79 -14.85
C PHE D 142 -19.98 -6.58 -15.19
N LEU D 143 -19.71 -6.84 -16.47
CA LEU D 143 -18.40 -7.30 -16.95
C LEU D 143 -17.28 -6.37 -16.45
N PHE D 144 -16.05 -6.82 -16.55
CA PHE D 144 -14.96 -5.94 -15.92
C PHE D 144 -13.74 -6.12 -16.69
N ILE D 145 -12.84 -5.13 -16.50
CA ILE D 145 -11.50 -5.12 -17.19
C ILE D 145 -10.32 -5.22 -16.20
N CYS D 146 -9.50 -6.22 -16.27
CA CYS D 146 -8.32 -6.28 -15.48
C CYS D 146 -7.14 -5.80 -16.26
N LYS D 147 -6.11 -5.30 -15.60
CA LYS D 147 -4.83 -4.83 -16.18
C LYS D 147 -3.72 -5.50 -15.41
N ARG D 148 -2.77 -6.11 -16.12
CA ARG D 148 -1.65 -6.91 -15.55
C ARG D 148 -0.39 -6.35 -16.12
N PRO D 149 0.60 -5.97 -15.36
CA PRO D 149 1.85 -5.45 -15.91
C PRO D 149 2.64 -6.53 -16.65
N TYR D 150 3.31 -6.15 -17.75
CA TYR D 150 4.35 -7.01 -18.42
C TYR D 150 5.71 -6.57 -17.94
N VAL D 151 6.51 -7.44 -17.46
CA VAL D 151 7.84 -7.13 -16.99
C VAL D 151 8.94 -7.91 -17.83
N PRO D 152 9.42 -7.27 -18.82
CA PRO D 152 10.39 -7.99 -19.75
C PRO D 152 11.71 -8.18 -19.00
N SER D 153 12.60 -9.02 -19.56
CA SER D 153 13.99 -9.11 -18.98
C SER D 153 14.87 -9.49 -20.17
N GLU D 154 16.10 -8.95 -20.17
CA GLU D 154 17.02 -9.09 -21.30
C GLU D 154 17.49 -10.55 -21.39
N PRO D 155 17.54 -11.18 -22.65
CA PRO D 155 18.04 -12.59 -22.72
C PRO D 155 19.58 -12.68 -22.45
CA CA E . 24.65 3.77 -12.25
MG MG F . 14.74 22.42 0.01
CA CA G . -17.59 -20.77 4.84
MG MG H . -24.63 1.66 10.84
CA CA I . 16.48 9.91 20.50
MG MG J . 24.47 -9.67 8.00
CL CL K . -2.88 11.47 -23.01
CA CA L . -24.02 7.80 -12.75
MG MG M . -14.46 -14.03 -17.13
#